data_8BNT
#
_entry.id   8BNT
#
_cell.length_a   71.432
_cell.length_b   71.432
_cell.length_c   196.527
_cell.angle_alpha   90.000
_cell.angle_beta   90.000
_cell.angle_gamma   90.000
#
_symmetry.space_group_name_H-M   'P 43 21 2'
#
loop_
_entity.id
_entity.type
_entity.pdbx_description
1 polymer 'Transforming protein RhoA'
2 polymer 'Rho guanine nucleotide exchange factor 2'
3 non-polymer 'DIMETHYL SULFOXIDE'
4 non-polymer 'FORMIC ACID'
5 water water
#
loop_
_entity_poly.entity_id
_entity_poly.type
_entity_poly.pdbx_seq_one_letter_code
_entity_poly.pdbx_strand_id
1 'polypeptide(L)'
;SMAAIRKKLVIVGDGACGKTCLLIVFSKDQFPEVYVPTVFENYVADIEVDGKQVELALWDTAGQEDYDRLRPLSYPDTDV
ILMCFSIDSPDSLENIPEKWTPEVKHFCPNVPIILVGNKKDLRNDEHTRRELAKMKQEPVKPEEGRDMANRIGAFGYMEC
SAKTKDGVREVFEMATRAALQARRG
;
A
2 'polypeptide(L)'
;SMEMDEKDFAADSWSLAVDSSFLQQHKKEVMKQQDVIYELIQTELHHVRTLKIMTRLFRTGMLEELHLEPGVVQGLFPCV
DELSDIHTRFLSQLLERRRQALCPGSTRNFVIHRLGDLLISQFSGPSAEQMCKTYSEFCSRHSKALKLYKELYARDKRFQ
QFIRKVTRPAVLKRHGVQECILLVTQRITKYPLLISRILQHSHGIEEERQDLTTALGLVKELLSNVDEGIYQLEKGARLQ
EIYNR
;
B
#
loop_
_chem_comp.id
_chem_comp.type
_chem_comp.name
_chem_comp.formula
DMS non-polymer 'DIMETHYL SULFOXIDE' 'C2 H6 O S'
FMT non-polymer 'FORMIC ACID' 'C H2 O2'
#
# COMPACT_ATOMS: atom_id res chain seq x y z
N ALA A 4 15.94 -16.67 -10.18
CA ALA A 4 14.49 -16.39 -10.23
C ALA A 4 14.21 -14.99 -10.78
N ILE A 5 13.48 -14.98 -11.89
CA ILE A 5 13.09 -13.76 -12.57
C ILE A 5 12.02 -13.06 -11.74
N ARG A 6 11.98 -11.74 -11.85
CA ARG A 6 11.09 -10.92 -11.06
C ARG A 6 9.91 -10.51 -11.96
N LYS A 7 8.68 -10.64 -11.44
CA LYS A 7 7.50 -10.17 -12.14
C LYS A 7 6.67 -9.39 -11.14
N LYS A 8 5.81 -8.51 -11.65
CA LYS A 8 4.97 -7.61 -10.87
C LYS A 8 3.49 -7.91 -11.11
N LEU A 9 2.75 -8.08 -10.02
CA LEU A 9 1.30 -8.30 -10.00
C LEU A 9 0.64 -7.11 -9.31
N VAL A 10 -0.46 -6.61 -9.90
CA VAL A 10 -1.33 -5.62 -9.28
C VAL A 10 -2.77 -6.14 -9.25
N ILE A 11 -3.44 -5.96 -8.10
CA ILE A 11 -4.84 -6.33 -7.96
CA ILE A 11 -4.85 -6.32 -7.97
C ILE A 11 -5.69 -5.05 -8.00
N VAL A 12 -6.76 -5.11 -8.81
CA VAL A 12 -7.67 -4.00 -9.01
C VAL A 12 -9.09 -4.50 -8.76
N GLY A 13 -9.99 -3.58 -8.46
CA GLY A 13 -11.40 -3.86 -8.24
C GLY A 13 -11.96 -2.92 -7.18
N ASP A 14 -13.28 -2.99 -7.00
CA ASP A 14 -13.95 -2.15 -6.02
C ASP A 14 -13.43 -2.45 -4.61
N GLY A 15 -13.61 -1.48 -3.72
CA GLY A 15 -13.33 -1.69 -2.30
C GLY A 15 -13.95 -2.97 -1.69
N ALA A 16 -15.16 -3.32 -2.09
CA ALA A 16 -15.92 -4.46 -1.55
C ALA A 16 -15.47 -5.84 -2.07
N CYS A 17 -14.45 -5.87 -2.94
CA CYS A 17 -14.15 -7.09 -3.67
C CYS A 17 -13.30 -8.03 -2.82
N GLY A 18 -12.67 -7.55 -1.72
CA GLY A 18 -11.83 -8.42 -0.90
C GLY A 18 -10.38 -8.53 -1.37
N LYS A 19 -9.91 -7.58 -2.19
CA LYS A 19 -8.57 -7.73 -2.72
CA LYS A 19 -8.56 -7.61 -2.72
C LYS A 19 -7.49 -7.63 -1.62
N THR A 20 -7.64 -6.78 -0.59
CA THR A 20 -6.62 -6.67 0.43
C THR A 20 -6.50 -7.99 1.19
N CYS A 21 -7.64 -8.54 1.56
CA CYS A 21 -7.69 -9.82 2.27
CA CYS A 21 -7.67 -9.80 2.29
C CYS A 21 -7.08 -10.95 1.46
N LEU A 22 -7.34 -10.97 0.15
CA LEU A 22 -6.74 -11.99 -0.71
C LEU A 22 -5.20 -11.94 -0.67
N LEU A 23 -4.64 -10.73 -0.78
CA LEU A 23 -3.19 -10.56 -0.74
C LEU A 23 -2.61 -11.01 0.61
N ILE A 24 -3.31 -10.63 1.71
CA ILE A 24 -2.87 -10.97 3.05
C ILE A 24 -2.83 -12.49 3.22
N VAL A 25 -3.91 -13.16 2.83
CA VAL A 25 -3.99 -14.61 3.05
C VAL A 25 -2.97 -15.37 2.22
N PHE A 26 -2.76 -14.96 0.96
CA PHE A 26 -1.74 -15.60 0.14
C PHE A 26 -0.35 -15.40 0.74
N SER A 27 -0.03 -14.16 1.19
CA SER A 27 1.31 -13.84 1.62
C SER A 27 1.69 -14.49 2.97
N LYS A 28 0.71 -14.80 3.81
CA LYS A 28 0.91 -15.54 5.05
C LYS A 28 0.63 -17.06 4.94
N ASP A 29 0.04 -17.54 3.83
CA ASP A 29 -0.55 -18.89 3.74
C ASP A 29 -1.45 -19.16 4.95
N GLN A 30 -2.26 -18.16 5.30
CA GLN A 30 -3.00 -18.23 6.56
C GLN A 30 -4.07 -17.13 6.55
N PHE A 31 -5.32 -17.48 6.89
CA PHE A 31 -6.28 -16.46 7.30
C PHE A 31 -5.93 -16.07 8.75
N PRO A 32 -5.56 -14.81 9.02
CA PRO A 32 -5.16 -14.41 10.37
C PRO A 32 -6.14 -14.82 11.46
N GLU A 33 -5.61 -15.41 12.54
CA GLU A 33 -6.44 -15.94 13.62
C GLU A 33 -6.73 -14.90 14.69
N VAL A 34 -5.89 -13.88 14.85
CA VAL A 34 -6.02 -12.90 15.94
C VAL A 34 -6.45 -11.53 15.39
N TYR A 35 -5.75 -11.04 14.38
CA TYR A 35 -6.04 -9.74 13.80
C TYR A 35 -5.87 -9.78 12.29
N VAL A 36 -6.90 -9.31 11.58
CA VAL A 36 -6.83 -9.17 10.14
C VAL A 36 -6.39 -7.74 9.83
N PRO A 37 -5.23 -7.54 9.19
CA PRO A 37 -4.76 -6.21 8.83
C PRO A 37 -5.74 -5.40 8.02
N THR A 38 -5.75 -4.09 8.26
CA THR A 38 -6.51 -3.12 7.49
C THR A 38 -5.87 -2.88 6.12
N VAL A 39 -4.53 -2.87 6.09
CA VAL A 39 -3.80 -2.50 4.88
C VAL A 39 -2.73 -3.54 4.57
N PHE A 40 -2.30 -3.52 3.29
CA PHE A 40 -1.24 -4.33 2.75
C PHE A 40 -0.19 -3.38 2.15
N GLU A 41 1.10 -3.57 2.52
CA GLU A 41 2.16 -2.69 2.05
C GLU A 41 2.65 -3.21 0.67
N ASN A 42 3.51 -4.22 0.67
CA ASN A 42 3.86 -4.99 -0.52
C ASN A 42 4.42 -6.33 -0.01
N TYR A 43 4.75 -7.22 -0.93
CA TYR A 43 5.32 -8.53 -0.61
C TYR A 43 5.97 -9.07 -1.87
N VAL A 44 7.04 -9.85 -1.71
CA VAL A 44 7.66 -10.54 -2.84
C VAL A 44 7.61 -12.03 -2.54
N ALA A 45 6.71 -12.74 -3.29
CA ALA A 45 6.46 -14.15 -3.06
C ALA A 45 7.46 -14.96 -3.90
N ASP A 46 8.00 -16.03 -3.32
CA ASP A 46 8.77 -17.02 -4.07
C ASP A 46 7.84 -18.10 -4.56
N ILE A 47 7.67 -18.19 -5.87
CA ILE A 47 6.72 -19.09 -6.50
CA ILE A 47 6.79 -19.22 -6.34
C ILE A 47 7.49 -19.99 -7.46
N GLU A 48 7.21 -21.28 -7.48
CA GLU A 48 7.73 -22.14 -8.53
CA GLU A 48 7.73 -22.17 -8.51
C GLU A 48 6.51 -22.77 -9.22
N VAL A 49 6.35 -22.46 -10.50
CA VAL A 49 5.18 -22.91 -11.26
C VAL A 49 5.68 -23.63 -12.51
N ASP A 50 5.25 -24.88 -12.68
CA ASP A 50 5.63 -25.66 -13.85
C ASP A 50 7.16 -25.71 -14.04
N GLY A 51 7.88 -25.80 -12.92
CA GLY A 51 9.33 -25.91 -12.96
C GLY A 51 10.09 -24.58 -13.06
N LYS A 52 9.38 -23.44 -13.12
CA LYS A 52 10.00 -22.13 -13.25
C LYS A 52 9.92 -21.31 -11.96
N GLN A 53 11.07 -20.82 -11.48
CA GLN A 53 11.17 -20.03 -10.25
CA GLN A 53 11.16 -20.04 -10.24
C GLN A 53 10.95 -18.56 -10.56
N VAL A 54 10.01 -17.95 -9.82
CA VAL A 54 9.71 -16.53 -9.99
C VAL A 54 9.69 -15.86 -8.61
N GLU A 55 10.14 -14.59 -8.60
CA GLU A 55 9.87 -13.68 -7.49
C GLU A 55 8.69 -12.77 -7.92
N LEU A 56 7.52 -12.94 -7.29
CA LEU A 56 6.33 -12.22 -7.74
C LEU A 56 6.05 -11.11 -6.72
N ALA A 57 6.26 -9.86 -7.15
CA ALA A 57 5.97 -8.71 -6.32
C ALA A 57 4.47 -8.43 -6.36
N LEU A 58 3.86 -8.25 -5.17
CA LEU A 58 2.41 -8.11 -5.02
C LEU A 58 2.09 -6.69 -4.56
N TRP A 59 1.10 -6.05 -5.21
CA TRP A 59 0.63 -4.70 -4.89
C TRP A 59 -0.90 -4.64 -4.87
N ASP A 60 -1.41 -3.87 -3.91
CA ASP A 60 -2.82 -3.54 -3.73
C ASP A 60 -3.09 -2.11 -4.24
N THR A 61 -4.30 -1.87 -4.75
CA THR A 61 -4.78 -0.54 -5.11
C THR A 61 -5.82 -0.01 -4.11
N ALA A 62 -6.08 -0.71 -3.02
CA ALA A 62 -7.00 -0.24 -2.00
C ALA A 62 -6.60 1.15 -1.51
N GLY A 63 -7.62 2.01 -1.40
CA GLY A 63 -7.43 3.39 -0.97
C GLY A 63 -7.26 4.36 -2.14
N GLN A 64 -6.99 3.83 -3.35
CA GLN A 64 -6.72 4.68 -4.50
C GLN A 64 -7.96 4.82 -5.41
N GLU A 65 -9.07 4.20 -5.07
CA GLU A 65 -10.23 4.13 -5.97
C GLU A 65 -10.83 5.51 -6.28
N ASP A 66 -10.72 6.50 -5.37
CA ASP A 66 -11.28 7.83 -5.53
C ASP A 66 -10.30 8.85 -6.17
N TYR A 67 -9.06 8.43 -6.49
CA TYR A 67 -7.97 9.36 -6.82
C TYR A 67 -7.39 8.98 -8.17
N ASP A 68 -7.95 9.58 -9.24
CA ASP A 68 -7.70 9.13 -10.62
C ASP A 68 -6.31 9.48 -11.13
N ARG A 69 -5.59 10.40 -10.47
CA ARG A 69 -4.20 10.71 -10.86
C ARG A 69 -3.20 9.95 -9.99
N LEU A 70 -3.55 9.60 -8.75
CA LEU A 70 -2.65 8.78 -7.91
C LEU A 70 -2.69 7.32 -8.33
N ARG A 71 -3.89 6.79 -8.56
CA ARG A 71 -4.06 5.37 -8.81
C ARG A 71 -3.21 4.83 -9.96
N PRO A 72 -3.11 5.54 -11.12
CA PRO A 72 -2.31 4.99 -12.22
C PRO A 72 -0.83 4.84 -11.96
N LEU A 73 -0.33 5.48 -10.88
CA LEU A 73 1.07 5.34 -10.48
C LEU A 73 1.37 3.91 -10.00
N SER A 74 0.34 3.13 -9.70
CA SER A 74 0.52 1.73 -9.34
C SER A 74 0.82 0.82 -10.55
N TYR A 75 0.49 1.27 -11.79
CA TYR A 75 0.49 0.37 -12.93
C TYR A 75 1.84 0.17 -13.66
N PRO A 76 2.83 1.09 -13.67
CA PRO A 76 4.02 0.88 -14.49
C PRO A 76 4.67 -0.50 -14.35
N ASP A 77 4.97 -1.09 -15.52
CA ASP A 77 5.73 -2.32 -15.58
C ASP A 77 5.02 -3.50 -14.90
N THR A 78 3.69 -3.47 -14.84
CA THR A 78 2.92 -4.62 -14.40
C THR A 78 3.03 -5.77 -15.42
N ASP A 79 3.20 -7.01 -14.90
CA ASP A 79 3.25 -8.21 -15.74
C ASP A 79 1.95 -9.00 -15.75
N VAL A 80 1.15 -8.88 -14.70
CA VAL A 80 -0.15 -9.55 -14.64
C VAL A 80 -1.09 -8.72 -13.74
N ILE A 81 -2.35 -8.62 -14.16
CA ILE A 81 -3.43 -7.99 -13.41
C ILE A 81 -4.40 -9.04 -12.89
N LEU A 82 -4.68 -8.97 -11.59
CA LEU A 82 -5.85 -9.63 -11.02
C LEU A 82 -6.98 -8.61 -10.95
N MET A 83 -8.08 -8.89 -11.61
CA MET A 83 -9.22 -8.01 -11.60
CA MET A 83 -9.26 -8.05 -11.70
C MET A 83 -10.32 -8.71 -10.81
N CYS A 84 -10.61 -8.14 -9.64
CA CYS A 84 -11.41 -8.80 -8.63
CA CYS A 84 -11.35 -8.75 -8.56
C CYS A 84 -12.79 -8.20 -8.48
N PHE A 85 -13.76 -9.11 -8.24
CA PHE A 85 -15.10 -8.76 -7.80
C PHE A 85 -15.45 -9.74 -6.69
N SER A 86 -16.49 -9.42 -5.89
CA SER A 86 -16.96 -10.36 -4.89
C SER A 86 -18.24 -11.05 -5.38
N ILE A 87 -18.30 -12.35 -5.17
CA ILE A 87 -19.47 -13.14 -5.52
C ILE A 87 -20.71 -12.72 -4.70
N ASP A 88 -20.50 -12.10 -3.54
CA ASP A 88 -21.60 -11.54 -2.76
C ASP A 88 -22.03 -10.14 -3.23
N SER A 89 -21.40 -9.59 -4.29
CA SER A 89 -21.71 -8.25 -4.73
C SER A 89 -21.84 -8.20 -6.25
N PRO A 90 -23.04 -8.47 -6.82
CA PRO A 90 -23.26 -8.22 -8.26
C PRO A 90 -22.86 -6.82 -8.71
N ASP A 91 -23.02 -5.81 -7.84
CA ASP A 91 -22.57 -4.45 -8.12
C ASP A 91 -21.07 -4.41 -8.44
N SER A 92 -20.24 -5.16 -7.68
CA SER A 92 -18.81 -5.19 -7.93
C SER A 92 -18.49 -5.79 -9.30
N LEU A 93 -19.33 -6.73 -9.79
CA LEU A 93 -19.15 -7.31 -11.12
C LEU A 93 -19.56 -6.32 -12.22
N GLU A 94 -20.65 -5.59 -12.01
CA GLU A 94 -21.15 -4.63 -12.99
C GLU A 94 -20.11 -3.52 -13.27
N ASN A 95 -19.24 -3.23 -12.29
CA ASN A 95 -18.20 -2.20 -12.43
C ASN A 95 -16.95 -2.66 -13.19
N ILE A 96 -16.87 -3.94 -13.55
CA ILE A 96 -15.71 -4.46 -14.23
C ILE A 96 -15.60 -3.95 -15.67
N PRO A 97 -16.63 -4.14 -16.55
CA PRO A 97 -16.40 -3.93 -17.99
C PRO A 97 -16.21 -2.51 -18.50
N GLU A 98 -16.81 -1.56 -17.83
CA GLU A 98 -16.76 -0.21 -18.33
C GLU A 98 -16.10 0.77 -17.34
N LYS A 99 -15.71 0.35 -16.12
CA LYS A 99 -14.84 1.16 -15.26
C LYS A 99 -13.41 0.60 -15.22
N TRP A 100 -13.24 -0.56 -14.58
CA TRP A 100 -11.90 -1.11 -14.39
C TRP A 100 -11.22 -1.56 -15.68
N THR A 101 -11.98 -2.23 -16.58
CA THR A 101 -11.35 -2.81 -17.77
C THR A 101 -10.73 -1.75 -18.67
N PRO A 102 -11.44 -0.68 -19.06
CA PRO A 102 -10.82 0.32 -19.95
C PRO A 102 -9.60 1.01 -19.32
N GLU A 103 -9.59 1.15 -17.98
CA GLU A 103 -8.45 1.77 -17.34
C GLU A 103 -7.21 0.88 -17.43
N VAL A 104 -7.41 -0.41 -17.11
CA VAL A 104 -6.30 -1.36 -17.14
C VAL A 104 -5.82 -1.55 -18.59
N LYS A 105 -6.72 -1.59 -19.58
CA LYS A 105 -6.25 -1.75 -20.95
C LYS A 105 -5.44 -0.54 -21.43
N HIS A 106 -5.78 0.65 -20.90
CA HIS A 106 -5.09 1.88 -21.26
C HIS A 106 -3.69 1.94 -20.67
N PHE A 107 -3.56 1.70 -19.34
CA PHE A 107 -2.28 1.86 -18.64
C PHE A 107 -1.42 0.59 -18.68
N CYS A 108 -2.03 -0.57 -19.01
CA CYS A 108 -1.33 -1.84 -19.02
C CYS A 108 -1.64 -2.58 -20.32
N PRO A 109 -1.28 -2.00 -21.49
CA PRO A 109 -1.60 -2.63 -22.77
C PRO A 109 -0.90 -3.98 -22.88
N ASN A 110 -1.69 -4.97 -23.35
CA ASN A 110 -1.18 -6.31 -23.63
C ASN A 110 -0.78 -7.10 -22.38
N VAL A 111 -1.16 -6.60 -21.20
CA VAL A 111 -0.87 -7.29 -19.95
C VAL A 111 -2.02 -8.26 -19.71
N PRO A 112 -1.77 -9.55 -19.40
CA PRO A 112 -2.90 -10.45 -19.12
C PRO A 112 -3.67 -10.08 -17.86
N ILE A 113 -4.98 -10.24 -17.99
CA ILE A 113 -5.96 -10.00 -16.96
C ILE A 113 -6.58 -11.31 -16.55
N ILE A 114 -6.50 -11.67 -15.26
CA ILE A 114 -7.30 -12.77 -14.74
C ILE A 114 -8.46 -12.18 -13.96
N LEU A 115 -9.68 -12.54 -14.33
CA LEU A 115 -10.86 -12.12 -13.57
C LEU A 115 -11.10 -13.14 -12.45
N VAL A 116 -11.14 -12.61 -11.21
CA VAL A 116 -11.19 -13.41 -10.00
C VAL A 116 -12.47 -13.08 -9.23
N GLY A 117 -13.32 -14.08 -9.07
CA GLY A 117 -14.46 -14.01 -8.17
C GLY A 117 -14.04 -14.44 -6.76
N ASN A 118 -13.98 -13.43 -5.86
CA ASN A 118 -13.63 -13.56 -4.46
CA ASN A 118 -13.61 -13.70 -4.48
C ASN A 118 -14.88 -13.96 -3.64
N LYS A 119 -14.66 -14.46 -2.41
CA LYS A 119 -15.69 -14.73 -1.43
C LYS A 119 -16.67 -15.78 -1.94
N LYS A 120 -16.14 -16.85 -2.55
CA LYS A 120 -17.00 -17.84 -3.20
C LYS A 120 -17.77 -18.64 -2.15
N ASP A 121 -17.24 -18.67 -0.91
CA ASP A 121 -17.90 -19.29 0.25
C ASP A 121 -19.28 -18.67 0.52
N LEU A 122 -19.54 -17.45 0.03
CA LEU A 122 -20.79 -16.78 0.35
C LEU A 122 -21.91 -17.07 -0.66
N ARG A 123 -21.60 -17.82 -1.72
CA ARG A 123 -22.58 -18.12 -2.75
C ARG A 123 -23.76 -18.87 -2.15
N ASN A 124 -23.49 -19.75 -1.16
CA ASN A 124 -24.54 -20.54 -0.54
C ASN A 124 -24.69 -20.19 0.95
N ASP A 125 -24.50 -18.90 1.30
CA ASP A 125 -24.62 -18.41 2.66
C ASP A 125 -26.00 -17.79 2.83
N GLU A 126 -26.77 -18.23 3.85
CA GLU A 126 -28.17 -17.84 3.93
C GLU A 126 -28.30 -16.36 4.22
N HIS A 127 -27.44 -15.81 5.10
CA HIS A 127 -27.46 -14.38 5.38
C HIS A 127 -27.24 -13.58 4.09
N THR A 128 -26.22 -13.95 3.31
CA THR A 128 -25.95 -13.24 2.06
C THR A 128 -27.16 -13.26 1.13
N ARG A 129 -27.80 -14.42 0.99
CA ARG A 129 -28.93 -14.58 0.09
C ARG A 129 -30.10 -13.70 0.53
N ARG A 130 -30.36 -13.62 1.84
CA ARG A 130 -31.45 -12.81 2.36
C ARG A 130 -31.19 -11.33 2.05
N GLU A 131 -29.96 -10.86 2.33
CA GLU A 131 -29.60 -9.45 2.18
C GLU A 131 -29.70 -9.01 0.71
N LEU A 132 -29.15 -9.82 -0.22
CA LEU A 132 -29.21 -9.47 -1.64
C LEU A 132 -30.65 -9.51 -2.17
N ALA A 133 -31.47 -10.45 -1.67
CA ALA A 133 -32.85 -10.58 -2.13
C ALA A 133 -33.64 -9.27 -1.94
N LYS A 134 -33.26 -8.49 -0.92
CA LYS A 134 -33.95 -7.26 -0.60
C LYS A 134 -33.64 -6.18 -1.64
N MET A 135 -32.52 -6.32 -2.38
CA MET A 135 -32.23 -5.42 -3.50
C MET A 135 -32.52 -6.11 -4.83
N LYS A 136 -33.28 -7.23 -4.81
CA LYS A 136 -33.70 -7.96 -6.00
C LYS A 136 -32.45 -8.53 -6.67
N GLN A 137 -31.54 -9.00 -5.84
CA GLN A 137 -30.27 -9.52 -6.32
C GLN A 137 -30.04 -10.94 -5.81
N GLU A 138 -29.06 -11.65 -6.40
CA GLU A 138 -28.55 -12.89 -5.81
C GLU A 138 -27.04 -13.01 -6.04
N PRO A 139 -26.35 -13.96 -5.37
CA PRO A 139 -24.92 -14.11 -5.57
C PRO A 139 -24.59 -14.37 -7.04
N VAL A 140 -23.42 -13.89 -7.46
CA VAL A 140 -22.96 -14.09 -8.82
C VAL A 140 -22.84 -15.60 -9.08
N LYS A 141 -23.45 -16.01 -10.21
CA LYS A 141 -23.38 -17.38 -10.72
C LYS A 141 -22.06 -17.63 -11.43
N PRO A 142 -21.50 -18.85 -11.38
CA PRO A 142 -20.22 -19.12 -12.08
C PRO A 142 -20.25 -18.75 -13.57
N GLU A 143 -21.36 -19.03 -14.28
CA GLU A 143 -21.49 -18.68 -15.68
C GLU A 143 -21.50 -17.18 -15.91
N GLU A 144 -22.02 -16.39 -14.93
CA GLU A 144 -21.98 -14.94 -15.05
C GLU A 144 -20.53 -14.46 -14.96
N GLY A 145 -19.76 -15.07 -14.04
CA GLY A 145 -18.33 -14.78 -13.94
C GLY A 145 -17.57 -15.11 -15.23
N ARG A 146 -17.79 -16.33 -15.73
CA ARG A 146 -17.08 -16.77 -16.93
C ARG A 146 -17.44 -15.86 -18.12
N ASP A 147 -18.73 -15.57 -18.28
CA ASP A 147 -19.18 -14.74 -19.39
C ASP A 147 -18.58 -13.35 -19.35
N MET A 148 -18.43 -12.80 -18.12
CA MET A 148 -17.82 -11.46 -18.01
C MET A 148 -16.36 -11.55 -18.43
N ALA A 149 -15.66 -12.59 -17.94
CA ALA A 149 -14.25 -12.74 -18.28
C ALA A 149 -14.04 -12.85 -19.81
N ASN A 150 -14.96 -13.60 -20.44
CA ASN A 150 -14.89 -13.83 -21.88
C ASN A 150 -15.03 -12.49 -22.60
N ARG A 151 -16.09 -11.74 -22.21
CA ARG A 151 -16.45 -10.45 -22.81
C ARG A 151 -15.30 -9.43 -22.73
N ILE A 152 -14.60 -9.38 -21.56
CA ILE A 152 -13.59 -8.36 -21.33
C ILE A 152 -12.22 -8.75 -21.90
N GLY A 153 -12.10 -9.92 -22.52
CA GLY A 153 -10.83 -10.36 -23.05
C GLY A 153 -9.85 -10.83 -21.98
N ALA A 154 -10.41 -11.34 -20.87
CA ALA A 154 -9.55 -11.87 -19.82
C ALA A 154 -8.78 -13.11 -20.34
N PHE A 155 -7.56 -13.29 -19.82
CA PHE A 155 -6.76 -14.50 -19.95
C PHE A 155 -7.52 -15.73 -19.45
N GLY A 156 -8.22 -15.56 -18.32
CA GLY A 156 -9.02 -16.62 -17.72
C GLY A 156 -9.87 -16.09 -16.58
N TYR A 157 -10.69 -17.02 -16.08
CA TYR A 157 -11.61 -16.79 -14.98
C TYR A 157 -11.32 -17.82 -13.89
N MET A 158 -11.22 -17.33 -12.63
CA MET A 158 -10.94 -18.15 -11.46
C MET A 158 -11.80 -17.65 -10.28
N GLU A 159 -12.09 -18.57 -9.34
CA GLU A 159 -12.79 -18.24 -8.11
C GLU A 159 -11.95 -18.66 -6.89
N CYS A 160 -12.16 -17.96 -5.78
CA CYS A 160 -11.45 -18.31 -4.56
C CYS A 160 -12.22 -17.81 -3.34
N SER A 161 -11.76 -18.27 -2.18
CA SER A 161 -12.25 -17.82 -0.87
C SER A 161 -11.06 -17.49 0.03
N ALA A 162 -10.85 -16.21 0.31
CA ALA A 162 -9.80 -15.84 1.26
C ALA A 162 -10.07 -16.44 2.65
N LYS A 163 -11.34 -16.52 3.05
CA LYS A 163 -11.71 -17.04 4.37
C LYS A 163 -11.24 -18.49 4.61
N THR A 164 -11.51 -19.37 3.64
CA THR A 164 -11.16 -20.80 3.72
C THR A 164 -9.81 -21.12 3.10
N LYS A 165 -9.25 -20.16 2.35
CA LYS A 165 -8.05 -20.31 1.51
C LYS A 165 -8.28 -21.12 0.23
N ASP A 166 -9.46 -21.67 0.01
CA ASP A 166 -9.66 -22.53 -1.17
C ASP A 166 -9.54 -21.68 -2.43
N GLY A 167 -8.71 -22.17 -3.33
CA GLY A 167 -8.50 -21.56 -4.61
C GLY A 167 -7.42 -20.48 -4.64
N VAL A 168 -6.94 -20.04 -3.46
CA VAL A 168 -6.04 -18.89 -3.43
C VAL A 168 -4.68 -19.24 -4.06
N ARG A 169 -4.06 -20.35 -3.63
CA ARG A 169 -2.79 -20.77 -4.19
C ARG A 169 -2.87 -20.82 -5.73
N GLU A 170 -3.94 -21.43 -6.23
CA GLU A 170 -4.12 -21.65 -7.67
C GLU A 170 -4.19 -20.32 -8.43
N VAL A 171 -4.85 -19.30 -7.85
CA VAL A 171 -4.93 -17.99 -8.48
C VAL A 171 -3.52 -17.43 -8.69
N PHE A 172 -2.68 -17.48 -7.64
CA PHE A 172 -1.36 -16.86 -7.73
C PHE A 172 -0.40 -17.68 -8.62
N GLU A 173 -0.52 -19.00 -8.60
CA GLU A 173 0.27 -19.85 -9.48
C GLU A 173 -0.08 -19.54 -10.96
N MET A 174 -1.38 -19.42 -11.26
CA MET A 174 -1.81 -19.08 -12.60
C MET A 174 -1.37 -17.68 -12.99
N ALA A 175 -1.46 -16.72 -12.07
CA ALA A 175 -1.01 -15.38 -12.38
C ALA A 175 0.47 -15.37 -12.77
N THR A 176 1.27 -16.22 -12.07
CA THR A 176 2.69 -16.37 -12.36
C THR A 176 2.90 -16.89 -13.79
N ARG A 177 2.18 -17.96 -14.14
CA ARG A 177 2.20 -18.51 -15.51
C ARG A 177 1.86 -17.46 -16.56
N ALA A 178 0.82 -16.67 -16.28
CA ALA A 178 0.39 -15.62 -17.20
C ALA A 178 1.49 -14.57 -17.36
N ALA A 179 2.11 -14.16 -16.22
CA ALA A 179 3.18 -13.18 -16.27
C ALA A 179 4.40 -13.65 -17.08
N LEU A 180 4.65 -14.97 -17.10
CA LEU A 180 5.79 -15.55 -17.82
C LEU A 180 5.58 -15.65 -19.34
N GLN A 181 4.34 -15.62 -19.81
CA GLN A 181 4.04 -15.74 -21.24
C GLN A 181 4.56 -14.55 -22.04
N ALA A 182 5.09 -14.82 -23.26
CA ALA A 182 5.51 -13.81 -24.23
C ALA A 182 4.37 -13.48 -25.21
N SER B 1 15.14 1.03 11.07
CA SER B 1 14.54 1.25 12.42
CA SER B 1 14.56 1.29 12.41
C SER B 1 15.54 0.95 13.54
N MET B 2 15.33 1.59 14.69
CA MET B 2 16.08 1.30 15.88
C MET B 2 15.45 0.16 16.64
N GLU B 3 16.31 -0.63 17.31
CA GLU B 3 15.90 -1.88 17.90
C GLU B 3 14.79 -1.73 18.93
N MET B 4 14.83 -0.65 19.75
CA MET B 4 13.80 -0.48 20.74
CA MET B 4 13.81 -0.38 20.74
C MET B 4 12.42 -0.45 20.07
N ASP B 5 12.30 0.33 18.99
CA ASP B 5 10.99 0.48 18.33
C ASP B 5 10.60 -0.79 17.56
N GLU B 6 11.58 -1.42 16.91
CA GLU B 6 11.34 -2.68 16.19
C GLU B 6 10.75 -3.72 17.14
N LYS B 7 11.34 -3.83 18.32
CA LYS B 7 10.86 -4.81 19.29
C LYS B 7 9.47 -4.43 19.78
N ASP B 8 9.26 -3.13 20.06
CA ASP B 8 7.96 -2.67 20.54
C ASP B 8 6.82 -2.98 19.56
N PHE B 9 7.15 -3.05 18.26
CA PHE B 9 6.18 -3.29 17.20
C PHE B 9 6.48 -4.61 16.45
N ALA B 10 7.07 -5.60 17.12
CA ALA B 10 7.38 -6.88 16.50
C ALA B 10 6.15 -7.78 16.37
N ALA B 11 5.22 -7.67 17.32
CA ALA B 11 4.07 -8.54 17.35
C ALA B 11 3.10 -8.17 16.22
N ASP B 12 2.26 -9.17 15.84
CA ASP B 12 1.29 -8.99 14.76
C ASP B 12 0.13 -8.10 15.18
N SER B 13 -0.04 -7.82 16.47
CA SER B 13 -1.16 -7.01 16.96
C SER B 13 -0.80 -6.41 18.32
N TRP B 14 -1.58 -5.40 18.74
CA TRP B 14 -1.48 -4.88 20.10
C TRP B 14 -1.81 -6.00 21.11
N SER B 15 -2.83 -6.83 20.81
CA SER B 15 -3.26 -7.87 21.73
CA SER B 15 -3.28 -7.90 21.70
C SER B 15 -2.17 -8.92 21.98
N LEU B 16 -1.24 -9.09 21.02
CA LEU B 16 -0.08 -9.98 21.18
C LEU B 16 1.15 -9.25 21.71
N ALA B 17 1.21 -7.91 21.63
CA ALA B 17 2.35 -7.09 22.11
C ALA B 17 2.30 -6.91 23.64
N VAL B 18 1.10 -6.69 24.18
CA VAL B 18 0.92 -6.45 25.61
C VAL B 18 0.98 -7.77 26.38
N ASP B 19 1.26 -7.68 27.69
CA ASP B 19 1.22 -8.84 28.54
C ASP B 19 -0.20 -9.40 28.57
N SER B 20 -0.33 -10.72 28.63
CA SER B 20 -1.67 -11.31 28.66
C SER B 20 -2.47 -10.87 29.88
N SER B 21 -1.82 -10.66 31.04
CA SER B 21 -2.55 -10.23 32.22
C SER B 21 -3.06 -8.80 32.07
N PHE B 22 -2.42 -8.00 31.20
CA PHE B 22 -2.89 -6.65 30.94
C PHE B 22 -4.07 -6.72 29.96
N LEU B 23 -3.91 -7.52 28.90
CA LEU B 23 -4.96 -7.69 27.90
C LEU B 23 -6.28 -8.04 28.57
N GLN B 24 -6.22 -8.97 29.53
CA GLN B 24 -7.40 -9.55 30.16
C GLN B 24 -8.18 -8.49 30.94
N GLN B 25 -7.53 -7.37 31.27
CA GLN B 25 -8.20 -6.29 31.97
C GLN B 25 -9.09 -5.41 31.11
N HIS B 26 -9.10 -5.59 29.77
CA HIS B 26 -9.76 -4.63 28.89
C HIS B 26 -10.95 -5.31 28.21
N LYS B 27 -11.95 -4.48 27.92
CA LYS B 27 -13.07 -4.89 27.09
C LYS B 27 -12.65 -5.16 25.66
N LYS B 28 -13.41 -6.03 24.98
CA LYS B 28 -13.16 -6.39 23.59
C LYS B 28 -13.12 -5.14 22.69
N GLU B 29 -14.02 -4.17 22.93
CA GLU B 29 -14.06 -3.02 22.03
C GLU B 29 -12.77 -2.21 22.11
N VAL B 30 -12.20 -2.08 23.33
CA VAL B 30 -10.91 -1.42 23.52
C VAL B 30 -9.79 -2.16 22.81
N MET B 31 -9.78 -3.48 22.94
CA MET B 31 -8.79 -4.28 22.24
CA MET B 31 -8.84 -4.32 22.23
C MET B 31 -8.88 -4.01 20.73
N LYS B 32 -10.10 -4.02 20.16
CA LYS B 32 -10.24 -3.79 18.72
C LYS B 32 -9.70 -2.42 18.33
N GLN B 33 -10.02 -1.36 19.09
CA GLN B 33 -9.51 -0.03 18.82
C GLN B 33 -7.96 -0.03 18.86
N GLN B 34 -7.41 -0.60 19.94
CA GLN B 34 -5.95 -0.56 20.13
C GLN B 34 -5.22 -1.33 19.02
N ASP B 35 -5.77 -2.46 18.58
CA ASP B 35 -5.17 -3.22 17.49
C ASP B 35 -5.02 -2.35 16.23
N VAL B 36 -6.02 -1.52 15.88
CA VAL B 36 -5.90 -0.72 14.67
C VAL B 36 -4.94 0.46 14.87
N ILE B 37 -4.97 1.08 16.05
CA ILE B 37 -4.01 2.13 16.34
C ILE B 37 -2.57 1.59 16.24
N TYR B 38 -2.36 0.41 16.78
CA TYR B 38 -1.07 -0.28 16.70
C TYR B 38 -0.65 -0.49 15.24
N GLU B 39 -1.57 -0.93 14.38
CA GLU B 39 -1.27 -1.06 12.95
C GLU B 39 -0.90 0.28 12.30
N LEU B 40 -1.59 1.38 12.64
CA LEU B 40 -1.22 2.69 12.13
C LEU B 40 0.25 3.00 12.47
N ILE B 41 0.60 2.82 13.76
CA ILE B 41 1.95 3.19 14.20
C ILE B 41 2.99 2.24 13.62
N GLN B 42 2.70 0.93 13.64
CA GLN B 42 3.61 -0.05 13.06
C GLN B 42 3.90 0.27 11.58
N THR B 43 2.83 0.52 10.80
CA THR B 43 3.05 0.81 9.38
C THR B 43 3.72 2.17 9.17
N GLU B 44 3.55 3.14 10.10
CA GLU B 44 4.28 4.40 10.03
C GLU B 44 5.78 4.19 10.28
N LEU B 45 6.10 3.35 11.28
CA LEU B 45 7.49 2.97 11.55
C LEU B 45 8.13 2.38 10.29
N HIS B 46 7.40 1.48 9.61
CA HIS B 46 7.93 0.84 8.40
C HIS B 46 8.09 1.85 7.25
N HIS B 47 7.17 2.82 7.13
CA HIS B 47 7.24 3.87 6.12
C HIS B 47 8.46 4.75 6.32
N VAL B 48 8.74 5.15 7.58
CA VAL B 48 9.94 5.91 7.87
C VAL B 48 11.18 5.09 7.51
N ARG B 49 11.17 3.78 7.82
CA ARG B 49 12.28 2.91 7.46
C ARG B 49 12.50 2.85 5.93
N THR B 50 11.39 2.85 5.15
CA THR B 50 11.48 2.90 3.69
C THR B 50 12.23 4.16 3.26
N LEU B 51 11.87 5.30 3.88
CA LEU B 51 12.49 6.56 3.55
C LEU B 51 13.97 6.58 3.95
N LYS B 52 14.36 5.91 5.05
CA LYS B 52 15.75 5.83 5.46
CA LYS B 52 15.75 5.82 5.47
C LYS B 52 16.55 4.94 4.50
N ILE B 53 15.95 3.84 3.99
CA ILE B 53 16.59 3.09 2.92
C ILE B 53 16.89 3.99 1.72
N MET B 54 15.89 4.76 1.29
CA MET B 54 16.05 5.67 0.16
C MET B 54 17.13 6.72 0.39
N THR B 55 17.14 7.38 1.56
CA THR B 55 18.09 8.46 1.82
C THR B 55 19.49 7.92 2.11
N ARG B 56 19.59 6.95 3.02
CA ARG B 56 20.87 6.51 3.58
C ARG B 56 21.53 5.41 2.75
N LEU B 57 20.78 4.37 2.36
CA LEU B 57 21.40 3.27 1.61
C LEU B 57 21.56 3.65 0.14
N PHE B 58 20.49 4.11 -0.52
CA PHE B 58 20.57 4.38 -1.95
C PHE B 58 21.18 5.74 -2.27
N ARG B 59 20.51 6.84 -1.85
CA ARG B 59 20.90 8.17 -2.29
C ARG B 59 22.34 8.47 -1.88
N THR B 60 22.61 8.32 -0.57
CA THR B 60 23.92 8.65 -0.02
C THR B 60 24.99 7.68 -0.53
N GLY B 61 24.65 6.40 -0.71
CA GLY B 61 25.60 5.47 -1.30
C GLY B 61 26.00 5.84 -2.74
N MET B 62 25.03 6.29 -3.54
CA MET B 62 25.33 6.69 -4.92
C MET B 62 26.24 7.91 -4.94
N LEU B 63 26.00 8.88 -4.04
CA LEU B 63 26.82 10.08 -3.99
C LEU B 63 28.24 9.72 -3.55
N GLU B 64 28.37 8.76 -2.64
CA GLU B 64 29.67 8.40 -2.08
C GLU B 64 30.49 7.46 -2.97
N GLU B 65 29.82 6.62 -3.79
N GLU B 65 29.85 6.47 -3.58
CA GLU B 65 30.46 5.53 -4.52
CA GLU B 65 30.62 5.33 -4.07
C GLU B 65 30.56 5.78 -6.04
C GLU B 65 30.56 5.32 -5.60
N LEU B 66 29.61 6.53 -6.64
N LEU B 66 29.56 5.99 -6.16
CA LEU B 66 29.46 6.53 -8.10
CA LEU B 66 29.49 6.16 -7.60
C LEU B 66 29.70 7.93 -8.67
C LEU B 66 29.95 7.57 -7.98
N HIS B 67 29.87 8.00 -9.99
N HIS B 67 29.94 8.50 -7.00
CA HIS B 67 30.21 9.25 -10.67
CA HIS B 67 30.24 9.92 -7.23
C HIS B 67 29.06 9.65 -11.57
C HIS B 67 29.28 10.51 -8.26
N LEU B 68 27.86 9.81 -11.01
N LEU B 68 28.03 10.03 -8.21
CA LEU B 68 26.69 10.12 -11.81
CA LEU B 68 26.99 10.46 -9.11
C LEU B 68 26.69 11.60 -12.20
C LEU B 68 26.74 11.96 -8.96
N GLU B 69 26.07 11.91 -13.34
N GLU B 69 26.45 12.59 -10.10
CA GLU B 69 25.99 13.29 -13.83
CA GLU B 69 26.00 13.97 -10.16
C GLU B 69 25.22 14.17 -12.84
C GLU B 69 24.79 14.14 -9.23
N PRO B 70 25.57 15.48 -12.67
N PRO B 70 24.81 15.20 -8.38
CA PRO B 70 24.75 16.37 -11.83
CA PRO B 70 23.72 15.48 -7.44
C PRO B 70 23.24 16.27 -12.10
C PRO B 70 22.41 15.61 -8.21
N GLY B 71 22.46 16.23 -11.00
N GLY B 71 22.46 16.26 -9.38
CA GLY B 71 20.99 16.19 -11.08
CA GLY B 71 21.28 16.40 -10.21
C GLY B 71 20.43 14.77 -11.18
C GLY B 71 20.66 15.06 -10.61
N VAL B 72 21.27 13.77 -11.44
N VAL B 72 21.46 14.09 -11.03
CA VAL B 72 20.76 12.42 -11.58
CA VAL B 72 20.92 12.81 -11.44
C VAL B 72 20.24 11.86 -10.24
C VAL B 72 20.25 12.11 -10.25
N VAL B 73 20.98 12.03 -9.15
CA VAL B 73 20.56 11.43 -7.89
C VAL B 73 19.27 12.08 -7.37
N GLN B 74 19.14 13.42 -7.56
CA GLN B 74 17.92 14.14 -7.20
CA GLN B 74 17.93 14.17 -7.23
C GLN B 74 16.74 13.65 -8.05
N GLY B 75 17.01 13.28 -9.32
CA GLY B 75 15.97 12.80 -10.21
C GLY B 75 15.47 11.41 -9.81
N LEU B 76 16.37 10.57 -9.25
CA LEU B 76 16.00 9.24 -8.79
C LEU B 76 15.18 9.30 -7.49
N PHE B 77 15.53 10.27 -6.62
CA PHE B 77 14.97 10.35 -5.27
C PHE B 77 14.41 11.74 -5.01
N PRO B 78 13.38 12.16 -5.76
CA PRO B 78 12.83 13.49 -5.55
C PRO B 78 12.25 13.63 -4.14
N CYS B 79 12.47 14.77 -3.51
CA CYS B 79 11.81 15.18 -2.28
C CYS B 79 12.09 14.27 -1.08
N VAL B 80 13.11 13.37 -1.13
CA VAL B 80 13.18 12.35 -0.09
CA VAL B 80 13.25 12.34 -0.11
C VAL B 80 13.55 12.94 1.27
N ASP B 81 14.35 14.00 1.32
CA ASP B 81 14.69 14.60 2.62
C ASP B 81 13.47 15.25 3.26
N GLU B 82 12.63 15.94 2.47
CA GLU B 82 11.41 16.57 2.94
CA GLU B 82 11.43 16.57 3.01
C GLU B 82 10.42 15.51 3.45
N LEU B 83 10.28 14.42 2.69
CA LEU B 83 9.38 13.34 3.09
C LEU B 83 9.86 12.71 4.41
N SER B 84 11.19 12.46 4.53
CA SER B 84 11.76 11.91 5.75
C SER B 84 11.44 12.84 6.95
N ASP B 85 11.58 14.16 6.76
CA ASP B 85 11.35 15.09 7.86
C ASP B 85 9.88 15.06 8.29
N ILE B 86 8.95 15.06 7.31
CA ILE B 86 7.53 15.04 7.61
C ILE B 86 7.17 13.80 8.45
N HIS B 87 7.58 12.64 7.98
CA HIS B 87 7.11 11.39 8.57
C HIS B 87 7.90 11.03 9.83
N THR B 88 9.18 11.40 9.90
CA THR B 88 9.93 11.17 11.13
C THR B 88 9.34 12.00 12.29
N ARG B 89 8.92 13.23 12.01
CA ARG B 89 8.26 14.06 13.00
C ARG B 89 6.92 13.45 13.43
N PHE B 90 6.12 13.00 12.46
CA PHE B 90 4.82 12.40 12.77
C PHE B 90 4.99 11.14 13.62
N LEU B 91 5.95 10.30 13.21
CA LEU B 91 6.28 9.07 13.95
C LEU B 91 6.68 9.42 15.41
N SER B 92 7.53 10.45 15.56
CA SER B 92 7.96 10.85 16.89
CA SER B 92 7.97 10.85 16.88
C SER B 92 6.77 11.16 17.78
N GLN B 93 5.78 11.86 17.23
CA GLN B 93 4.60 12.22 18.01
C GLN B 93 3.77 11.00 18.38
N LEU B 94 3.60 10.05 17.42
CA LEU B 94 2.87 8.83 17.72
C LEU B 94 3.57 8.00 18.83
N LEU B 95 4.89 7.84 18.71
CA LEU B 95 5.67 7.08 19.69
C LEU B 95 5.71 7.78 21.05
N GLU B 96 5.66 9.12 21.10
CA GLU B 96 5.65 9.77 22.39
CA GLU B 96 5.58 9.93 22.31
C GLU B 96 4.29 9.60 23.05
N ARG B 97 3.19 9.56 22.27
CA ARG B 97 1.89 9.31 22.84
C ARG B 97 1.82 7.91 23.47
N ARG B 98 2.37 6.92 22.76
CA ARG B 98 2.49 5.58 23.32
C ARG B 98 3.32 5.59 24.61
N ARG B 99 4.53 6.18 24.54
CA ARG B 99 5.42 6.08 25.68
CA ARG B 99 5.46 6.21 25.66
C ARG B 99 4.78 6.74 26.93
N GLN B 100 4.11 7.90 26.77
CA GLN B 100 3.43 8.57 27.87
C GLN B 100 2.35 7.69 28.48
N ALA B 101 1.72 6.82 27.66
CA ALA B 101 0.61 5.98 28.09
C ALA B 101 1.06 4.67 28.76
N LEU B 102 2.39 4.38 28.78
CA LEU B 102 2.84 3.13 29.38
C LEU B 102 2.58 3.11 30.89
N CYS B 103 2.20 1.95 31.39
CA CYS B 103 2.09 1.73 32.82
C CYS B 103 3.46 1.82 33.47
N PRO B 104 3.61 2.48 34.66
CA PRO B 104 4.88 2.39 35.38
C PRO B 104 5.26 0.92 35.55
N GLY B 105 6.55 0.66 35.33
CA GLY B 105 7.11 -0.68 35.45
C GLY B 105 7.01 -1.47 34.16
N SER B 106 6.41 -0.93 33.11
CA SER B 106 6.23 -1.64 31.85
C SER B 106 6.83 -0.86 30.69
N THR B 107 7.40 -1.62 29.73
CA THR B 107 7.80 -1.04 28.44
C THR B 107 6.88 -1.51 27.30
N ARG B 108 5.79 -2.22 27.65
CA ARG B 108 4.90 -2.74 26.62
C ARG B 108 3.40 -2.53 26.83
N ASN B 109 2.93 -2.26 28.06
CA ASN B 109 1.51 -2.19 28.37
C ASN B 109 1.02 -0.74 28.37
N PHE B 110 0.16 -0.38 27.40
CA PHE B 110 -0.40 0.96 27.25
C PHE B 110 -1.76 0.84 26.55
N VAL B 111 -2.54 1.91 26.68
CA VAL B 111 -3.72 2.19 25.88
C VAL B 111 -3.65 3.66 25.44
N ILE B 112 -3.83 3.92 24.13
CA ILE B 112 -3.95 5.26 23.59
C ILE B 112 -5.43 5.61 23.44
N HIS B 113 -5.90 6.58 24.25
CA HIS B 113 -7.29 6.99 24.21
C HIS B 113 -7.56 8.23 23.37
N ARG B 114 -6.53 9.03 23.02
N ARG B 114 -6.51 9.04 23.25
CA ARG B 114 -6.70 10.39 22.48
CA ARG B 114 -6.53 10.28 22.53
C ARG B 114 -5.96 10.64 21.15
C ARG B 114 -5.53 10.11 21.38
N LEU B 115 -6.00 9.68 20.24
N LEU B 115 -6.07 9.85 20.19
CA LEU B 115 -5.32 9.82 18.96
CA LEU B 115 -5.32 9.84 18.95
C LEU B 115 -5.88 10.92 18.03
C LEU B 115 -5.88 10.92 18.01
N GLY B 116 -7.19 11.14 18.06
CA GLY B 116 -7.82 12.05 17.11
C GLY B 116 -7.14 13.43 17.06
N ASP B 117 -6.84 14.00 18.25
CA ASP B 117 -6.22 15.33 18.33
CA ASP B 117 -6.26 15.33 18.29
C ASP B 117 -4.88 15.38 17.60
N LEU B 118 -4.10 14.31 17.74
CA LEU B 118 -2.78 14.22 17.11
C LEU B 118 -2.98 14.20 15.58
N LEU B 119 -3.96 13.43 15.11
CA LEU B 119 -4.18 13.35 13.67
C LEU B 119 -4.73 14.67 13.13
N ILE B 120 -5.62 15.37 13.88
CA ILE B 120 -6.07 16.69 13.45
C ILE B 120 -4.87 17.62 13.26
N SER B 121 -3.95 17.62 14.23
CA SER B 121 -2.77 18.46 14.16
CA SER B 121 -2.75 18.44 14.17
C SER B 121 -1.93 18.11 12.92
N GLN B 122 -1.66 16.81 12.70
CA GLN B 122 -0.82 16.42 11.57
C GLN B 122 -1.40 16.86 10.21
N PHE B 123 -2.73 16.71 10.08
CA PHE B 123 -3.44 16.94 8.83
C PHE B 123 -4.13 18.30 8.76
N SER B 124 -3.64 19.29 9.54
CA SER B 124 -4.07 20.67 9.39
C SER B 124 -2.89 21.64 9.51
N GLY B 125 -3.16 22.92 9.21
CA GLY B 125 -2.14 23.94 9.38
C GLY B 125 -0.88 23.73 8.53
N PRO B 126 0.28 24.27 8.97
CA PRO B 126 1.53 24.20 8.18
C PRO B 126 1.98 22.79 7.82
N SER B 127 1.79 21.84 8.72
CA SER B 127 2.22 20.47 8.45
C SER B 127 1.40 19.92 7.27
N ALA B 128 0.09 20.20 7.23
CA ALA B 128 -0.72 19.70 6.10
C ALA B 128 -0.30 20.39 4.79
N GLU B 129 -0.06 21.70 4.82
CA GLU B 129 0.41 22.44 3.64
C GLU B 129 1.73 21.84 3.14
N GLN B 130 2.65 21.50 4.05
CA GLN B 130 3.92 20.91 3.65
CA GLN B 130 3.92 20.87 3.73
C GLN B 130 3.68 19.51 3.04
N MET B 131 2.83 18.68 3.66
CA MET B 131 2.49 17.37 3.10
C MET B 131 1.93 17.50 1.69
N CYS B 132 1.01 18.44 1.49
CA CYS B 132 0.40 18.64 0.18
C CYS B 132 1.44 19.07 -0.84
N LYS B 133 2.29 20.03 -0.50
CA LYS B 133 3.30 20.52 -1.43
C LYS B 133 4.26 19.40 -1.82
N THR B 134 4.71 18.63 -0.81
CA THR B 134 5.74 17.65 -1.02
C THR B 134 5.21 16.44 -1.81
N TYR B 135 4.03 15.90 -1.46
CA TYR B 135 3.43 14.81 -2.24
C TYR B 135 3.01 15.23 -3.65
N SER B 136 2.51 16.46 -3.83
CA SER B 136 2.18 16.92 -5.20
C SER B 136 3.44 16.90 -6.07
N GLU B 137 4.57 17.34 -5.51
CA GLU B 137 5.85 17.33 -6.21
CA GLU B 137 5.84 17.32 -6.24
C GLU B 137 6.35 15.90 -6.46
N PHE B 138 6.37 15.09 -5.39
CA PHE B 138 6.91 13.72 -5.48
C PHE B 138 6.12 12.89 -6.49
N CYS B 139 4.78 12.91 -6.35
CA CYS B 139 3.96 12.04 -7.18
C CYS B 139 4.00 12.50 -8.64
N SER B 140 4.26 13.81 -8.89
CA SER B 140 4.41 14.29 -10.26
C SER B 140 5.77 13.96 -10.89
N ARG B 141 6.74 13.53 -10.07
CA ARG B 141 8.08 13.14 -10.49
C ARG B 141 8.31 11.63 -10.49
N HIS B 142 7.23 10.88 -10.17
CA HIS B 142 7.29 9.45 -9.95
C HIS B 142 7.70 8.71 -11.23
N SER B 143 6.95 8.96 -12.34
CA SER B 143 7.24 8.33 -13.63
CA SER B 143 7.24 8.31 -13.60
C SER B 143 8.67 8.59 -14.08
N LYS B 144 9.12 9.84 -13.93
CA LYS B 144 10.43 10.29 -14.36
C LYS B 144 11.52 9.54 -13.58
N ALA B 145 11.33 9.36 -12.26
CA ALA B 145 12.29 8.66 -11.42
C ALA B 145 12.44 7.21 -11.89
N LEU B 146 11.30 6.53 -12.17
CA LEU B 146 11.34 5.13 -12.56
C LEU B 146 12.08 4.96 -13.89
N LYS B 147 11.83 5.87 -14.82
CA LYS B 147 12.45 5.81 -16.14
C LYS B 147 13.95 6.08 -16.07
N LEU B 148 14.37 7.02 -15.22
CA LEU B 148 15.79 7.29 -15.01
C LEU B 148 16.48 6.07 -14.39
N TYR B 149 15.86 5.45 -13.41
CA TYR B 149 16.41 4.28 -12.77
C TYR B 149 16.66 3.17 -13.82
N LYS B 150 15.63 2.88 -14.62
CA LYS B 150 15.70 1.79 -15.58
C LYS B 150 16.83 2.06 -16.59
N GLU B 151 16.97 3.31 -17.05
CA GLU B 151 18.00 3.68 -18.01
CA GLU B 151 18.00 3.66 -18.00
C GLU B 151 19.40 3.41 -17.43
N LEU B 152 19.64 3.89 -16.22
CA LEU B 152 20.95 3.73 -15.59
C LEU B 152 21.28 2.25 -15.31
N TYR B 153 20.29 1.48 -14.84
CA TYR B 153 20.51 0.06 -14.55
C TYR B 153 20.90 -0.68 -15.84
N ALA B 154 20.28 -0.32 -16.96
CA ALA B 154 20.52 -1.00 -18.22
C ALA B 154 21.86 -0.61 -18.84
N ARG B 155 22.36 0.61 -18.56
CA ARG B 155 23.46 1.17 -19.35
CA ARG B 155 23.44 1.23 -19.34
C ARG B 155 24.77 1.37 -18.58
N ASP B 156 24.73 1.46 -17.23
CA ASP B 156 25.90 1.86 -16.46
C ASP B 156 26.30 0.71 -15.54
N LYS B 157 27.41 0.05 -15.88
CA LYS B 157 27.87 -1.14 -15.18
C LYS B 157 28.09 -0.88 -13.68
N ARG B 158 28.70 0.25 -13.32
CA ARG B 158 29.01 0.48 -11.91
C ARG B 158 27.69 0.71 -11.14
N PHE B 159 26.71 1.36 -11.78
CA PHE B 159 25.40 1.54 -11.16
C PHE B 159 24.70 0.19 -10.91
N GLN B 160 24.69 -0.67 -11.93
CA GLN B 160 24.12 -2.00 -11.82
C GLN B 160 24.78 -2.77 -10.68
N GLN B 161 26.12 -2.78 -10.62
CA GLN B 161 26.83 -3.49 -9.56
C GLN B 161 26.46 -2.95 -8.18
N PHE B 162 26.40 -1.60 -8.04
CA PHE B 162 25.97 -0.94 -6.81
C PHE B 162 24.61 -1.45 -6.36
N ILE B 163 23.62 -1.40 -7.26
CA ILE B 163 22.27 -1.82 -6.93
C ILE B 163 22.25 -3.28 -6.50
N ARG B 164 22.90 -4.16 -7.29
CA ARG B 164 22.92 -5.58 -6.97
C ARG B 164 23.59 -5.83 -5.60
N LYS B 165 24.62 -5.04 -5.28
CA LYS B 165 25.32 -5.19 -4.02
C LYS B 165 24.43 -4.82 -2.82
N VAL B 166 23.83 -3.62 -2.83
CA VAL B 166 23.13 -3.14 -1.65
C VAL B 166 21.74 -3.73 -1.52
N THR B 167 21.18 -4.31 -2.61
CA THR B 167 19.88 -4.97 -2.50
C THR B 167 19.98 -6.50 -2.37
N ARG B 168 21.19 -7.05 -2.31
CA ARG B 168 21.35 -8.49 -2.11
C ARG B 168 20.84 -9.02 -0.78
N PRO B 169 21.03 -8.34 0.38
CA PRO B 169 20.59 -8.91 1.64
C PRO B 169 19.09 -9.21 1.67
N ALA B 170 18.72 -10.32 2.35
CA ALA B 170 17.32 -10.74 2.41
C ALA B 170 16.40 -9.62 2.95
N VAL B 171 16.89 -8.81 3.89
CA VAL B 171 16.03 -7.79 4.51
C VAL B 171 15.67 -6.66 3.54
N LEU B 172 16.31 -6.59 2.36
CA LEU B 172 15.97 -5.64 1.29
C LEU B 172 15.07 -6.26 0.19
N LYS B 173 14.56 -7.48 0.38
CA LYS B 173 13.78 -8.17 -0.66
C LYS B 173 12.63 -7.36 -1.23
N ARG B 174 11.91 -6.60 -0.36
CA ARG B 174 10.75 -5.80 -0.76
C ARG B 174 11.05 -4.34 -1.07
N HIS B 175 12.33 -3.93 -1.03
CA HIS B 175 12.74 -2.53 -0.97
C HIS B 175 13.82 -2.20 -2.01
N GLY B 176 13.69 -2.72 -3.23
CA GLY B 176 14.43 -2.10 -4.31
C GLY B 176 14.00 -0.65 -4.57
N VAL B 177 14.72 0.03 -5.46
CA VAL B 177 14.47 1.46 -5.72
C VAL B 177 13.02 1.71 -6.17
N GLN B 178 12.56 0.97 -7.19
CA GLN B 178 11.23 1.20 -7.73
C GLN B 178 10.15 0.86 -6.69
N GLU B 179 10.39 -0.20 -5.91
CA GLU B 179 9.49 -0.66 -4.86
C GLU B 179 9.35 0.42 -3.77
N CYS B 180 10.48 1.05 -3.41
CA CYS B 180 10.45 2.11 -2.41
C CYS B 180 9.63 3.32 -2.91
N ILE B 181 9.82 3.72 -4.18
CA ILE B 181 9.07 4.83 -4.76
C ILE B 181 7.56 4.55 -4.64
N LEU B 182 7.10 3.36 -5.08
CA LEU B 182 5.69 3.05 -5.03
C LEU B 182 5.15 2.90 -3.60
N LEU B 183 5.94 2.33 -2.67
CA LEU B 183 5.53 2.28 -1.28
C LEU B 183 5.23 3.68 -0.74
N VAL B 184 6.07 4.66 -1.10
CA VAL B 184 5.90 6.02 -0.62
C VAL B 184 4.67 6.68 -1.25
N THR B 185 4.49 6.56 -2.57
CA THR B 185 3.29 7.06 -3.22
C THR B 185 1.99 6.47 -2.65
N GLN B 186 2.00 5.17 -2.31
CA GLN B 186 0.82 4.51 -1.79
C GLN B 186 0.59 4.83 -0.31
N ARG B 187 1.57 5.36 0.43
CA ARG B 187 1.37 5.54 1.87
C ARG B 187 0.16 6.43 2.17
N ILE B 188 0.08 7.55 1.43
CA ILE B 188 -0.89 8.56 1.79
C ILE B 188 -2.34 8.05 1.68
N THR B 189 -2.59 7.16 0.70
CA THR B 189 -3.91 6.60 0.53
C THR B 189 -4.22 5.44 1.49
N LYS B 190 -3.27 5.05 2.36
CA LYS B 190 -3.56 4.09 3.43
C LYS B 190 -4.25 4.77 4.61
N TYR B 191 -4.04 6.09 4.79
CA TYR B 191 -4.48 6.73 6.03
C TYR B 191 -6.00 6.70 6.20
N PRO B 192 -6.83 6.94 5.15
CA PRO B 192 -8.28 6.94 5.39
C PRO B 192 -8.80 5.60 5.88
N LEU B 193 -8.27 4.50 5.32
CA LEU B 193 -8.65 3.14 5.66
CA LEU B 193 -8.73 3.19 5.69
C LEU B 193 -8.41 2.90 7.17
N LEU B 194 -7.20 3.22 7.61
CA LEU B 194 -6.81 3.03 8.99
C LEU B 194 -7.67 3.89 9.93
N ILE B 195 -7.82 5.19 9.60
CA ILE B 195 -8.55 6.14 10.46
C ILE B 195 -10.01 5.74 10.56
N SER B 196 -10.62 5.32 9.44
CA SER B 196 -12.01 4.91 9.46
CA SER B 196 -12.02 4.90 9.44
CA SER B 196 -12.01 4.88 9.44
C SER B 196 -12.23 3.70 10.37
N ARG B 197 -11.30 2.72 10.34
CA ARG B 197 -11.44 1.57 11.20
C ARG B 197 -11.17 1.91 12.68
N ILE B 198 -10.21 2.80 12.98
CA ILE B 198 -10.07 3.29 14.37
C ILE B 198 -11.37 3.94 14.84
N LEU B 199 -11.94 4.80 13.98
CA LEU B 199 -13.19 5.51 14.26
C LEU B 199 -14.32 4.53 14.58
N GLN B 200 -14.45 3.42 13.81
CA GLN B 200 -15.47 2.40 14.06
C GLN B 200 -15.47 1.86 15.51
N HIS B 201 -14.29 1.84 16.13
CA HIS B 201 -14.08 1.32 17.48
C HIS B 201 -13.83 2.43 18.52
N SER B 202 -14.21 3.69 18.19
CA SER B 202 -13.92 4.84 19.04
C SER B 202 -15.18 5.61 19.44
N HIS B 203 -16.32 4.92 19.54
CA HIS B 203 -17.58 5.59 19.87
C HIS B 203 -17.80 5.79 21.37
N GLY B 204 -17.01 5.14 22.21
CA GLY B 204 -17.22 5.18 23.65
C GLY B 204 -17.06 6.57 24.31
N ILE B 205 -16.17 7.38 23.77
CA ILE B 205 -15.99 8.76 24.17
CA ILE B 205 -15.99 8.76 24.18
C ILE B 205 -16.38 9.63 22.99
N GLU B 206 -17.47 10.39 23.15
CA GLU B 206 -18.00 11.17 22.03
C GLU B 206 -16.99 12.22 21.53
N GLU B 207 -16.19 12.84 22.43
CA GLU B 207 -15.17 13.78 21.99
C GLU B 207 -14.18 13.10 21.03
N GLU B 208 -13.84 11.83 21.29
CA GLU B 208 -12.91 11.08 20.45
C GLU B 208 -13.50 10.75 19.09
N ARG B 209 -14.76 10.33 19.09
CA ARG B 209 -15.48 10.05 17.85
C ARG B 209 -15.46 11.29 16.97
N GLN B 210 -15.79 12.45 17.58
CA GLN B 210 -15.82 13.71 16.86
C GLN B 210 -14.43 14.06 16.29
N ASP B 211 -13.38 13.93 17.11
CA ASP B 211 -12.03 14.28 16.67
C ASP B 211 -11.56 13.39 15.51
N LEU B 212 -11.87 12.09 15.56
CA LEU B 212 -11.46 11.20 14.47
C LEU B 212 -12.28 11.46 13.19
N THR B 213 -13.56 11.87 13.34
CA THR B 213 -14.37 12.30 12.21
C THR B 213 -13.73 13.51 11.54
N THR B 214 -13.33 14.52 12.34
CA THR B 214 -12.64 15.69 11.80
C THR B 214 -11.34 15.29 11.10
N ALA B 215 -10.54 14.43 11.72
CA ALA B 215 -9.29 13.98 11.14
C ALA B 215 -9.50 13.28 9.78
N LEU B 216 -10.49 12.39 9.72
CA LEU B 216 -10.76 11.66 8.48
C LEU B 216 -11.09 12.64 7.35
N GLY B 217 -11.91 13.65 7.64
CA GLY B 217 -12.23 14.64 6.62
C GLY B 217 -11.00 15.46 6.19
N LEU B 218 -10.10 15.81 7.12
CA LEU B 218 -8.88 16.53 6.76
C LEU B 218 -7.97 15.70 5.86
N VAL B 219 -7.85 14.41 6.18
CA VAL B 219 -7.02 13.51 5.37
C VAL B 219 -7.58 13.41 3.95
N LYS B 220 -8.90 13.26 3.82
CA LYS B 220 -9.50 13.19 2.49
C LYS B 220 -9.34 14.52 1.73
N GLU B 221 -9.40 15.68 2.41
CA GLU B 221 -9.16 16.97 1.77
CA GLU B 221 -9.17 16.95 1.75
C GLU B 221 -7.73 17.03 1.22
N LEU B 222 -6.74 16.57 2.03
CA LEU B 222 -5.33 16.54 1.61
C LEU B 222 -5.20 15.69 0.35
N LEU B 223 -5.77 14.48 0.37
CA LEU B 223 -5.63 13.56 -0.76
C LEU B 223 -6.26 14.15 -2.04
N SER B 224 -7.44 14.77 -1.91
CA SER B 224 -8.10 15.40 -3.05
CA SER B 224 -8.09 15.39 -3.05
C SER B 224 -7.22 16.48 -3.65
N ASN B 225 -6.60 17.30 -2.79
CA ASN B 225 -5.72 18.38 -3.23
C ASN B 225 -4.48 17.85 -3.93
N VAL B 226 -3.84 16.80 -3.37
CA VAL B 226 -2.67 16.21 -3.99
C VAL B 226 -3.06 15.66 -5.36
N ASP B 227 -4.15 14.88 -5.41
CA ASP B 227 -4.61 14.25 -6.65
C ASP B 227 -4.84 15.30 -7.74
N GLU B 228 -5.46 16.43 -7.38
CA GLU B 228 -5.72 17.48 -8.38
C GLU B 228 -4.44 18.23 -8.77
N GLY B 229 -3.37 18.12 -7.98
CA GLY B 229 -2.14 18.84 -8.26
C GLY B 229 -1.06 18.06 -8.99
N ILE B 230 -1.37 16.82 -9.43
CA ILE B 230 -0.40 15.96 -10.11
C ILE B 230 -0.52 16.08 -11.63
N TYR B 231 0.64 16.27 -12.27
CA TYR B 231 0.82 16.16 -13.72
C TYR B 231 2.20 15.52 -13.90
N GLN B 232 2.28 14.35 -14.58
CA GLN B 232 3.57 13.66 -14.66
C GLN B 232 4.54 14.39 -15.57
N LEU B 233 5.71 14.69 -15.01
CA LEU B 233 6.84 15.23 -15.72
C LEU B 233 7.45 14.11 -16.57
N GLU B 234 7.94 14.51 -17.73
CA GLU B 234 8.63 13.60 -18.63
C GLU B 234 9.85 14.29 -19.20
N LYS B 235 10.99 13.63 -19.04
CA LYS B 235 12.25 14.11 -19.61
C LYS B 235 12.08 14.26 -21.11
N GLY B 236 12.49 15.41 -21.64
CA GLY B 236 12.37 15.66 -23.08
C GLY B 236 10.96 16.05 -23.57
N ALA B 237 9.96 16.18 -22.67
CA ALA B 237 8.65 16.65 -23.11
C ALA B 237 8.76 18.08 -23.64
N ARG B 238 8.17 18.34 -24.79
CA ARG B 238 8.24 19.67 -25.38
C ARG B 238 7.08 20.53 -24.87
N LEU B 239 7.26 21.85 -24.92
CA LEU B 239 6.24 22.80 -24.47
CA LEU B 239 6.23 22.75 -24.44
C LEU B 239 4.90 22.50 -25.17
N GLN B 240 4.93 22.25 -26.50
CA GLN B 240 3.73 22.03 -27.26
C GLN B 240 2.93 20.86 -26.67
N GLU B 241 3.60 19.77 -26.28
CA GLU B 241 2.92 18.60 -25.70
C GLU B 241 2.27 18.97 -24.36
N ILE B 242 2.91 19.87 -23.58
CA ILE B 242 2.38 20.29 -22.30
C ILE B 242 1.19 21.23 -22.48
N TYR B 243 1.28 22.28 -23.35
CA TYR B 243 0.20 23.26 -23.48
C TYR B 243 -0.96 22.64 -24.24
N ASN B 244 -0.74 21.49 -24.93
CA ASN B 244 -1.83 20.78 -25.59
C ASN B 244 -2.40 19.68 -24.69
N ARG B 245 -2.02 19.69 -23.39
CA ARG B 245 -2.57 18.77 -22.40
C ARG B 245 -4.11 18.78 -22.46
S DMS C . -14.28 -21.48 -12.86
O DMS C . -15.32 -21.35 -13.95
C1 DMS C . -13.52 -23.04 -13.11
C2 DMS C . -15.18 -21.83 -11.35
C FMT D . -16.15 -20.35 -21.63
O1 FMT D . -15.25 -21.17 -21.71
O2 FMT D . -16.86 -20.06 -20.56
C FMT E . -10.91 -5.65 7.82
O1 FMT E . -11.30 -4.62 8.33
O2 FMT E . -9.71 -6.23 8.11
C FMT F . 3.43 -6.62 -21.87
O1 FMT F . 3.83 -5.58 -21.38
O2 FMT F . 3.39 -7.81 -21.22
C FMT G . -12.70 2.89 -11.08
O1 FMT G . -13.90 2.74 -11.05
O2 FMT G . -11.95 2.43 -12.09
C FMT H . 0.38 3.81 -20.66
O1 FMT H . 0.10 4.91 -21.09
O2 FMT H . 0.73 2.74 -21.46
C FMT I . 0.85 5.57 -15.24
O1 FMT I . 0.49 4.41 -15.33
O2 FMT I . 1.72 5.97 -14.32
S DMS J . -0.10 5.43 33.21
O DMS J . 0.30 6.38 32.06
C1 DMS J . -1.11 4.12 32.53
C2 DMS J . -1.30 6.31 34.23
S DMS K . -13.53 3.23 22.52
O DMS K . -15.02 3.03 22.20
C1 DMS K . -12.93 1.59 22.79
C2 DMS K . -13.42 3.97 24.10
S DMS L . 25.53 -2.67 -18.56
O DMS L . 24.84 -2.38 -17.18
C1 DMS L . 25.27 -4.39 -18.92
C2 DMS L . 27.26 -2.77 -18.27
S DMS M . -11.00 -9.18 25.50
O DMS M . -9.52 -8.99 25.85
C1 DMS M . -11.84 -9.58 27.02
C2 DMS M . -11.14 -10.78 24.70
C FMT N . -10.05 9.60 27.75
O1 FMT N . -9.97 10.78 27.64
O2 FMT N . -10.69 8.88 26.57
C FMT O . -3.54 8.97 25.05
O1 FMT O . -3.77 9.41 23.95
O2 FMT O . -4.45 8.44 25.83
C FMT P . 8.60 -11.26 1.32
O1 FMT P . 8.38 -10.20 0.79
O2 FMT P . 8.97 -11.38 2.63
C FMT Q . 7.57 2.97 39.40
O1 FMT Q . 7.16 4.11 39.56
O2 FMT Q . 7.53 2.29 38.22
C FMT R . -12.57 5.92 4.50
O1 FMT R . -13.78 6.02 4.51
O2 FMT R . -11.90 5.05 3.68
C FMT S . 7.59 17.33 -18.44
O1 FMT S . 8.43 18.07 -17.95
O2 FMT S . 6.29 17.41 -18.31
C FMT T . 9.02 19.48 -2.07
O1 FMT T . 8.16 20.33 -2.25
O2 FMT T . 9.45 19.10 -0.84
C FMT U . 6.93 11.51 28.80
O1 FMT U . 6.52 12.00 27.77
O2 FMT U . 6.34 10.49 29.47
C FMT V . -9.42 22.17 11.81
O1 FMT V . -10.18 21.22 11.90
O2 FMT V . -8.08 22.12 12.07
#